data_6YP8
#
_entry.id   6YP8
#
_cell.length_a   82.770
_cell.length_b   112.750
_cell.length_c   62.632
_cell.angle_alpha   90.000
_cell.angle_beta   90.000
_cell.angle_gamma   90.000
#
_symmetry.space_group_name_H-M   'C 2 2 21'
#
loop_
_entity.id
_entity.type
_entity.pdbx_description
1 polymer '14-3-3 protein sigma'
2 polymer p65pS45
3 non-polymer 'CHLORIDE ION'
4 non-polymer 3-imidazol-1-ylbenzaldehyde
5 water water
#
loop_
_entity_poly.entity_id
_entity_poly.type
_entity_poly.pdbx_seq_one_letter_code
_entity_poly.pdbx_strand_id
1 'polypeptide(L)'
;GAMGSMERASLIQKAKLAEQAERYEDMAAFMKGAVEKGEELS(CSO)EERNLLSVAYKNVVGGQRAAWRVLSSIEQKSNE
EGSEEKGPEVREYREKVETELQGVCDTVLGLLDSHLIKEAGDAESRVFYLKMKGDYYRYLAEVATGDDKKRIIDSARSAY
QEAMDISKKEMPPTNPIRLGLALNFSVFHYEIANSPEEAISLAKTTFDEAMADLHTLSEDSYKDSTLIMQLLRDNLTLWT
;
A
2 'polypeptide(L)' EGRSAG(SEP)IPGRRS P
#
loop_
_chem_comp.id
_chem_comp.type
_chem_comp.name
_chem_comp.formula
CL non-polymer 'CHLORIDE ION' 'Cl -1'
P6Z non-polymer 3-imidazol-1-ylbenzaldehyde 'C10 H8 N2 O'
#
# COMPACT_ATOMS: atom_id res chain seq x y z
N GLY A 1 16.47 11.87 -12.65
CA GLY A 1 16.90 10.90 -11.66
C GLY A 1 18.40 10.65 -11.66
N ALA A 2 18.98 10.58 -10.46
CA ALA A 2 20.41 10.33 -10.32
C ALA A 2 20.79 8.93 -10.78
N MET A 3 19.82 8.05 -11.02
CA MET A 3 20.04 6.67 -11.40
C MET A 3 20.12 6.47 -12.91
N GLY A 4 20.00 7.54 -13.69
CA GLY A 4 19.99 7.39 -15.14
C GLY A 4 21.27 6.81 -15.72
N SER A 5 22.40 6.96 -15.01
N SER A 5 22.39 6.95 -15.01
CA SER A 5 23.67 6.46 -15.51
CA SER A 5 23.67 6.46 -15.51
C SER A 5 23.95 5.01 -15.11
C SER A 5 23.96 5.02 -15.09
N MET A 6 23.12 4.40 -14.27
CA MET A 6 23.36 3.05 -13.78
C MET A 6 22.55 2.03 -14.57
N GLU A 7 23.17 0.87 -14.82
CA GLU A 7 22.49 -0.23 -15.52
C GLU A 7 21.23 -0.67 -14.78
N ARG A 8 20.20 -1.04 -15.55
CA ARG A 8 18.99 -1.59 -14.94
C ARG A 8 19.31 -2.76 -14.02
N ALA A 9 20.14 -3.69 -14.48
CA ALA A 9 20.44 -4.87 -13.67
C ALA A 9 21.15 -4.48 -12.39
N SER A 10 22.03 -3.47 -12.45
CA SER A 10 22.74 -3.02 -11.26
C SER A 10 21.79 -2.35 -10.26
N LEU A 11 20.83 -1.57 -10.76
CA LEU A 11 19.83 -0.98 -9.88
C LEU A 11 19.05 -2.06 -9.14
N ILE A 12 18.66 -3.12 -9.85
CA ILE A 12 17.92 -4.22 -9.21
C ILE A 12 18.80 -4.91 -8.18
N GLN A 13 20.06 -5.18 -8.53
CA GLN A 13 20.97 -5.82 -7.59
C GLN A 13 21.17 -4.97 -6.35
N LYS A 14 21.34 -3.66 -6.52
CA LYS A 14 21.52 -2.78 -5.38
C LYS A 14 20.25 -2.64 -4.55
N ALA A 15 19.08 -2.67 -5.20
CA ALA A 15 17.84 -2.67 -4.42
C ALA A 15 17.78 -3.89 -3.49
N LYS A 16 18.22 -5.05 -3.98
CA LYS A 16 18.21 -6.24 -3.14
C LYS A 16 19.20 -6.11 -2.00
N LEU A 17 20.37 -5.52 -2.27
CA LEU A 17 21.35 -5.28 -1.21
C LEU A 17 20.81 -4.30 -0.18
N ALA A 18 20.14 -3.24 -0.64
CA ALA A 18 19.59 -2.26 0.30
C ALA A 18 18.54 -2.90 1.18
N GLU A 19 17.73 -3.82 0.64
CA GLU A 19 16.76 -4.51 1.48
C GLU A 19 17.47 -5.32 2.58
N GLN A 20 18.53 -6.03 2.22
CA GLN A 20 19.29 -6.79 3.22
C GLN A 20 19.88 -5.89 4.28
N ALA A 21 20.29 -4.68 3.92
CA ALA A 21 20.86 -3.73 4.84
C ALA A 21 19.80 -2.88 5.53
N GLU A 22 18.52 -3.13 5.22
CA GLU A 22 17.40 -2.36 5.76
C GLU A 22 17.57 -0.87 5.47
N ARG A 23 18.06 -0.56 4.26
CA ARG A 23 18.20 0.82 3.79
C ARG A 23 17.10 1.09 2.78
N TYR A 24 15.89 1.33 3.28
CA TYR A 24 14.72 1.33 2.42
C TYR A 24 14.59 2.59 1.58
N GLU A 25 15.12 3.72 2.04
N GLU A 25 15.11 3.73 2.04
CA GLU A 25 15.12 4.91 1.19
CA GLU A 25 15.15 4.92 1.20
C GLU A 25 16.04 4.71 -0.02
C GLU A 25 16.03 4.69 -0.02
N ASP A 26 17.21 4.12 0.19
CA ASP A 26 18.05 3.72 -0.94
C ASP A 26 17.32 2.74 -1.85
N MET A 27 16.72 1.71 -1.25
CA MET A 27 16.01 0.70 -2.03
C MET A 27 14.96 1.33 -2.92
N ALA A 28 14.19 2.28 -2.37
CA ALA A 28 13.16 2.94 -3.16
C ALA A 28 13.76 3.75 -4.31
N ALA A 29 14.86 4.47 -4.04
CA ALA A 29 15.50 5.24 -5.09
C ALA A 29 16.04 4.32 -6.19
N PHE A 30 16.61 3.17 -5.80
CA PHE A 30 17.09 2.22 -6.80
C PHE A 30 15.94 1.69 -7.65
N MET A 31 14.84 1.30 -7.00
CA MET A 31 13.71 0.77 -7.76
C MET A 31 13.03 1.86 -8.59
N LYS A 32 12.99 3.10 -8.10
CA LYS A 32 12.50 4.19 -8.94
C LYS A 32 13.34 4.33 -10.20
N GLY A 33 14.67 4.29 -10.03
CA GLY A 33 15.54 4.32 -11.20
C GLY A 33 15.29 3.16 -12.15
N ALA A 34 15.04 1.97 -11.61
CA ALA A 34 14.76 0.82 -12.45
C ALA A 34 13.47 1.00 -13.25
N VAL A 35 12.41 1.49 -12.59
CA VAL A 35 11.16 1.76 -13.30
C VAL A 35 11.40 2.75 -14.44
N GLU A 36 12.18 3.80 -14.18
CA GLU A 36 12.37 4.85 -15.17
C GLU A 36 13.21 4.39 -16.36
N LYS A 37 13.79 3.18 -16.31
CA LYS A 37 14.40 2.62 -17.51
C LYS A 37 13.36 2.33 -18.58
N GLY A 38 12.09 2.28 -18.22
CA GLY A 38 11.01 2.18 -19.19
C GLY A 38 10.57 0.78 -19.53
N GLU A 39 11.28 -0.25 -19.09
CA GLU A 39 10.85 -1.62 -19.32
C GLU A 39 9.84 -2.04 -18.27
N GLU A 40 8.97 -2.99 -18.64
CA GLU A 40 8.04 -3.56 -17.67
C GLU A 40 8.82 -4.29 -16.57
N LEU A 41 8.16 -4.49 -15.43
CA LEU A 41 8.79 -5.13 -14.27
C LEU A 41 8.34 -6.58 -14.16
N SER A 42 9.27 -7.44 -13.78
CA SER A 42 8.96 -8.84 -13.48
C SER A 42 8.21 -8.95 -12.16
N CSO A 43 7.72 -10.15 -11.85
CA CSO A 43 7.01 -10.40 -10.61
CB CSO A 43 6.55 -11.85 -10.54
SG CSO A 43 5.78 -12.21 -8.96
C CSO A 43 7.90 -10.05 -9.40
O CSO A 43 7.48 -9.34 -8.49
OD CSO A 43 6.99 -12.83 -7.81
N GLU A 44 9.14 -10.54 -9.42
CA GLU A 44 10.09 -10.24 -8.35
C GLU A 44 10.39 -8.73 -8.26
N GLU A 45 10.53 -8.09 -9.42
CA GLU A 45 10.84 -6.66 -9.43
C GLU A 45 9.68 -5.82 -8.90
N ARG A 46 8.45 -6.22 -9.24
CA ARG A 46 7.29 -5.54 -8.66
C ARG A 46 7.30 -5.64 -7.15
N ASN A 47 7.66 -6.82 -6.61
CA ASN A 47 7.72 -6.98 -5.16
C ASN A 47 8.77 -6.06 -4.55
N LEU A 48 9.93 -5.93 -5.19
CA LEU A 48 10.97 -5.05 -4.68
C LEU A 48 10.49 -3.60 -4.62
N LEU A 49 9.85 -3.15 -5.70
CA LEU A 49 9.28 -1.80 -5.72
C LEU A 49 8.31 -1.60 -4.57
N SER A 50 7.40 -2.55 -4.38
CA SER A 50 6.39 -2.43 -3.34
C SER A 50 7.01 -2.44 -1.95
N VAL A 51 7.92 -3.38 -1.69
CA VAL A 51 8.53 -3.47 -0.36
C VAL A 51 9.27 -2.19 -0.03
N ALA A 52 9.99 -1.63 -0.99
CA ALA A 52 10.78 -0.43 -0.73
C ALA A 52 9.90 0.73 -0.30
N TYR A 53 8.89 1.06 -1.10
CA TYR A 53 8.09 2.24 -0.79
C TYR A 53 7.18 1.98 0.40
N LYS A 54 6.77 0.74 0.62
CA LYS A 54 5.91 0.46 1.78
C LYS A 54 6.67 0.73 3.07
N ASN A 55 7.96 0.38 3.10
CA ASN A 55 8.76 0.66 4.28
C ASN A 55 9.00 2.16 4.45
N VAL A 56 9.27 2.87 3.35
CA VAL A 56 9.51 4.30 3.44
C VAL A 56 8.28 5.02 3.96
N VAL A 57 7.14 4.81 3.31
CA VAL A 57 5.92 5.49 3.73
C VAL A 57 5.46 4.95 5.08
N GLY A 58 5.80 3.70 5.42
CA GLY A 58 5.43 3.16 6.71
C GLY A 58 6.08 3.91 7.85
N GLY A 59 7.36 4.25 7.70
CA GLY A 59 8.02 5.08 8.71
C GLY A 59 7.42 6.46 8.80
N GLN A 60 7.06 7.04 7.65
CA GLN A 60 6.45 8.37 7.66
C GLN A 60 5.08 8.34 8.31
N ARG A 61 4.27 7.33 8.01
CA ARG A 61 2.95 7.24 8.62
C ARG A 61 3.06 7.08 10.13
N ALA A 62 4.00 6.25 10.59
CA ALA A 62 4.17 6.06 12.02
C ALA A 62 4.57 7.37 12.70
N ALA A 63 5.51 8.11 12.10
CA ALA A 63 5.90 9.40 12.65
C ALA A 63 4.75 10.40 12.62
N TRP A 64 4.01 10.44 11.51
CA TRP A 64 2.87 11.35 11.41
C TRP A 64 1.85 11.08 12.52
N ARG A 65 1.61 9.80 12.84
CA ARG A 65 0.64 9.48 13.87
C ARG A 65 1.14 9.91 15.26
N VAL A 66 2.42 9.71 15.53
CA VAL A 66 2.99 10.19 16.80
C VAL A 66 2.81 11.69 16.92
N LEU A 67 3.19 12.43 15.88
CA LEU A 67 3.12 13.89 15.92
C LEU A 67 1.68 14.37 15.94
N SER A 68 0.80 13.73 15.17
CA SER A 68 -0.60 14.14 15.18
C SER A 68 -1.22 13.95 16.56
N SER A 69 -0.84 12.88 17.24
CA SER A 69 -1.35 12.64 18.59
C SER A 69 -0.86 13.71 19.57
N ILE A 70 0.43 14.08 19.49
CA ILE A 70 0.94 15.15 20.34
C ILE A 70 0.23 16.45 20.04
N GLU A 71 0.02 16.74 18.75
CA GLU A 71 -0.62 17.99 18.35
C GLU A 71 -2.04 18.09 18.88
N GLN A 72 -2.78 16.98 18.85
CA GLN A 72 -4.17 17.01 19.31
C GLN A 72 -4.25 17.17 20.83
N LYS A 73 -3.29 16.59 21.56
CA LYS A 73 -3.25 16.81 23.00
C LYS A 73 -2.98 18.27 23.33
N SER A 74 -2.10 18.92 22.57
CA SER A 74 -1.76 20.32 22.83
C SER A 74 -2.93 21.26 22.55
N ASN A 75 -3.93 20.83 21.79
CA ASN A 75 -5.10 21.64 21.47
C ASN A 75 -6.33 21.23 22.26
N GLU A 76 -6.15 20.87 23.53
CA GLU A 76 -7.25 20.45 24.39
C GLU A 76 -7.51 21.52 25.45
N GLU A 77 -8.61 21.33 26.19
CA GLU A 77 -8.93 22.22 27.28
C GLU A 77 -7.94 22.02 28.42
N GLY A 78 -7.44 23.12 28.96
CA GLY A 78 -6.41 23.04 29.99
C GLY A 78 -5.01 22.80 29.46
N SER A 79 -4.80 22.99 28.17
CA SER A 79 -3.49 22.78 27.57
C SER A 79 -2.68 24.07 27.58
N GLU A 80 -1.35 23.91 27.59
CA GLU A 80 -0.43 25.03 27.65
C GLU A 80 0.14 25.27 26.26
N GLU A 81 -0.03 26.49 25.74
CA GLU A 81 0.48 26.85 24.43
C GLU A 81 1.97 26.55 24.33
N LYS A 82 2.33 25.64 23.43
CA LYS A 82 3.71 25.24 23.24
C LYS A 82 4.35 25.89 22.02
N GLY A 83 3.62 26.75 21.31
CA GLY A 83 4.12 27.35 20.09
C GLY A 83 3.71 26.57 18.88
N PRO A 84 4.10 27.04 17.70
CA PRO A 84 3.72 26.35 16.45
C PRO A 84 4.56 25.13 16.12
N GLU A 85 5.51 24.74 16.97
CA GLU A 85 6.50 23.75 16.58
C GLU A 85 5.86 22.40 16.23
N VAL A 86 4.96 21.90 17.08
CA VAL A 86 4.38 20.58 16.85
C VAL A 86 3.60 20.57 15.55
N ARG A 87 2.78 21.60 15.31
CA ARG A 87 2.05 21.69 14.06
C ARG A 87 3.01 21.81 12.87
N GLU A 88 4.01 22.69 13.00
CA GLU A 88 4.97 22.89 11.91
C GLU A 88 5.70 21.58 11.57
N TYR A 89 6.09 20.82 12.59
CA TYR A 89 6.84 19.59 12.34
C TYR A 89 5.93 18.49 11.79
N ARG A 90 4.70 18.40 12.32
CA ARG A 90 3.74 17.46 11.73
C ARG A 90 3.51 17.79 10.26
N GLU A 91 3.40 19.08 9.93
CA GLU A 91 3.22 19.50 8.53
C GLU A 91 4.41 19.08 7.68
N LYS A 92 5.62 19.20 8.21
CA LYS A 92 6.81 18.81 7.47
C LYS A 92 6.79 17.34 7.13
N VAL A 93 6.55 16.48 8.13
CA VAL A 93 6.45 15.04 7.90
C VAL A 93 5.31 14.74 6.93
N GLU A 94 4.16 15.39 7.13
CA GLU A 94 3.02 15.19 6.25
C GLU A 94 3.36 15.54 4.81
N THR A 95 4.06 16.66 4.60
CA THR A 95 4.45 17.05 3.25
C THR A 95 5.42 16.05 2.65
N GLU A 96 6.35 15.52 3.45
N GLU A 96 6.33 15.52 3.47
CA GLU A 96 7.27 14.52 2.93
CA GLU A 96 7.28 14.52 2.98
C GLU A 96 6.56 13.22 2.60
C GLU A 96 6.57 13.23 2.61
N LEU A 97 5.58 12.82 3.42
CA LEU A 97 4.78 11.64 3.11
C LEU A 97 4.01 11.83 1.81
N GLN A 98 3.36 12.98 1.65
CA GLN A 98 2.62 13.23 0.41
C GLN A 98 3.55 13.21 -0.80
N GLY A 99 4.79 13.67 -0.63
CA GLY A 99 5.72 13.63 -1.75
C GLY A 99 6.05 12.20 -2.16
N VAL A 100 6.26 11.32 -1.18
CA VAL A 100 6.54 9.91 -1.49
C VAL A 100 5.34 9.27 -2.17
N CYS A 101 4.13 9.51 -1.65
CA CYS A 101 2.94 8.96 -2.28
C CYS A 101 2.80 9.47 -3.71
N ASP A 102 3.02 10.77 -3.93
CA ASP A 102 2.93 11.32 -5.28
C ASP A 102 3.95 10.68 -6.21
N THR A 103 5.15 10.39 -5.69
CA THR A 103 6.18 9.79 -6.52
C THR A 103 5.77 8.39 -6.97
N VAL A 104 5.23 7.60 -6.04
CA VAL A 104 4.75 6.25 -6.38
C VAL A 104 3.61 6.33 -7.38
N LEU A 105 2.62 7.19 -7.09
CA LEU A 105 1.51 7.34 -8.02
C LEU A 105 1.99 7.80 -9.39
N GLY A 106 3.03 8.62 -9.42
CA GLY A 106 3.57 9.06 -10.70
C GLY A 106 4.21 7.92 -11.48
N LEU A 107 4.88 7.01 -10.78
CA LEU A 107 5.47 5.84 -11.45
C LEU A 107 4.37 4.93 -12.00
N LEU A 108 3.31 4.72 -11.23
CA LEU A 108 2.21 3.89 -11.71
C LEU A 108 1.57 4.51 -12.95
N ASP A 109 1.42 5.83 -12.94
CA ASP A 109 0.78 6.53 -14.05
C ASP A 109 1.70 6.73 -15.23
N SER A 110 3.02 6.66 -15.03
CA SER A 110 4.00 6.94 -16.08
C SER A 110 5.16 5.95 -15.97
N HIS A 111 4.98 4.72 -16.46
CA HIS A 111 3.81 4.28 -17.24
C HIS A 111 3.48 2.83 -16.91
N LEU A 112 3.60 2.47 -15.63
CA LEU A 112 3.51 1.06 -15.25
C LEU A 112 2.13 0.48 -15.55
N ILE A 113 1.07 1.22 -15.21
CA ILE A 113 -0.27 0.65 -15.29
C ILE A 113 -0.69 0.47 -16.75
N LYS A 114 -0.44 1.49 -17.59
CA LYS A 114 -0.91 1.41 -18.96
C LYS A 114 -0.21 0.32 -19.75
N GLU A 115 1.01 -0.08 -19.35
CA GLU A 115 1.68 -1.17 -20.03
C GLU A 115 1.45 -2.53 -19.38
N ALA A 116 0.66 -2.59 -18.31
CA ALA A 116 0.42 -3.85 -17.59
C ALA A 116 -0.83 -4.51 -18.15
N GLY A 117 -0.65 -5.61 -18.87
CA GLY A 117 -1.77 -6.30 -19.50
C GLY A 117 -2.19 -7.59 -18.81
N ASP A 118 -1.24 -8.29 -18.19
CA ASP A 118 -1.56 -9.51 -17.47
C ASP A 118 -2.26 -9.19 -16.16
N ALA A 119 -3.16 -10.08 -15.75
CA ALA A 119 -3.90 -9.86 -14.52
C ALA A 119 -2.98 -9.70 -13.32
N GLU A 120 -1.90 -10.48 -13.27
CA GLU A 120 -1.01 -10.44 -12.11
C GLU A 120 -0.34 -9.08 -11.96
N SER A 121 0.12 -8.51 -13.07
CA SER A 121 0.75 -7.19 -13.00
C SER A 121 -0.27 -6.07 -12.85
N ARG A 122 -1.38 -6.12 -13.60
CA ARG A 122 -2.33 -5.02 -13.57
C ARG A 122 -3.01 -4.91 -12.20
N VAL A 123 -3.45 -6.04 -11.64
CA VAL A 123 -4.04 -6.01 -10.31
C VAL A 123 -3.03 -5.53 -9.27
N PHE A 124 -1.76 -5.96 -9.40
CA PHE A 124 -0.73 -5.53 -8.47
C PHE A 124 -0.58 -4.01 -8.48
N TYR A 125 -0.48 -3.41 -9.68
CA TYR A 125 -0.29 -1.97 -9.75
C TYR A 125 -1.53 -1.21 -9.31
N LEU A 126 -2.71 -1.71 -9.64
CA LEU A 126 -3.93 -1.00 -9.26
C LEU A 126 -4.14 -1.07 -7.75
N LYS A 127 -3.82 -2.21 -7.14
CA LYS A 127 -3.83 -2.29 -5.68
C LYS A 127 -2.86 -1.29 -5.07
N MET A 128 -1.66 -1.16 -5.65
CA MET A 128 -0.72 -0.14 -5.19
C MET A 128 -1.33 1.25 -5.30
N LYS A 129 -1.98 1.54 -6.43
CA LYS A 129 -2.58 2.85 -6.62
C LYS A 129 -3.62 3.13 -5.53
N GLY A 130 -4.48 2.15 -5.23
CA GLY A 130 -5.42 2.32 -4.15
C GLY A 130 -4.75 2.53 -2.81
N ASP A 131 -3.68 1.78 -2.54
CA ASP A 131 -2.95 1.90 -1.28
C ASP A 131 -2.39 3.31 -1.09
N TYR A 132 -1.74 3.85 -2.12
CA TYR A 132 -1.07 5.13 -1.90
C TYR A 132 -2.04 6.30 -1.93
N TYR A 133 -3.18 6.19 -2.61
CA TYR A 133 -4.25 7.15 -2.38
C TYR A 133 -4.84 7.01 -0.98
N ARG A 134 -4.89 5.78 -0.46
CA ARG A 134 -5.36 5.59 0.91
C ARG A 134 -4.44 6.28 1.90
N TYR A 135 -3.13 6.17 1.69
CA TYR A 135 -2.19 6.85 2.57
C TYR A 135 -2.36 8.37 2.47
N LEU A 136 -2.59 8.89 1.26
CA LEU A 136 -2.91 10.31 1.12
C LEU A 136 -4.19 10.65 1.87
N ALA A 137 -5.20 9.77 1.80
CA ALA A 137 -6.47 10.05 2.48
C ALA A 137 -6.29 10.10 3.99
N GLU A 138 -5.36 9.32 4.55
CA GLU A 138 -5.18 9.28 5.99
C GLU A 138 -4.84 10.65 6.56
N VAL A 139 -4.15 11.49 5.79
CA VAL A 139 -3.72 12.81 6.24
C VAL A 139 -4.49 13.95 5.60
N ALA A 140 -5.47 13.64 4.75
CA ALA A 140 -6.18 14.67 4.00
C ALA A 140 -7.26 15.31 4.86
N THR A 141 -7.43 16.63 4.69
CA THR A 141 -8.46 17.39 5.41
C THR A 141 -9.15 18.45 4.59
N GLY A 142 -8.62 18.85 3.44
CA GLY A 142 -9.06 20.05 2.74
C GLY A 142 -10.08 19.79 1.65
N ASP A 143 -10.01 20.60 0.60
CA ASP A 143 -11.00 20.57 -0.47
C ASP A 143 -11.02 19.23 -1.19
N ASP A 144 -9.92 18.48 -1.15
CA ASP A 144 -9.73 17.33 -2.03
C ASP A 144 -9.81 16.00 -1.31
N LYS A 145 -10.14 15.98 -0.01
CA LYS A 145 -10.14 14.69 0.69
C LYS A 145 -11.16 13.73 0.10
N LYS A 146 -12.33 14.25 -0.29
CA LYS A 146 -13.32 13.39 -0.93
C LYS A 146 -12.81 12.87 -2.26
N ARG A 147 -12.15 13.72 -3.05
CA ARG A 147 -11.63 13.26 -4.33
C ARG A 147 -10.51 12.24 -4.13
N ILE A 148 -9.69 12.39 -3.09
CA ILE A 148 -8.64 11.42 -2.82
C ILE A 148 -9.25 10.07 -2.45
N ILE A 149 -10.28 10.08 -1.60
CA ILE A 149 -10.95 8.84 -1.21
C ILE A 149 -11.56 8.17 -2.43
N ASP A 150 -12.17 8.95 -3.32
CA ASP A 150 -12.76 8.36 -4.52
C ASP A 150 -11.69 7.80 -5.46
N SER A 151 -10.52 8.44 -5.51
CA SER A 151 -9.44 7.90 -6.33
C SER A 151 -8.96 6.56 -5.76
N ALA A 152 -8.87 6.45 -4.44
CA ALA A 152 -8.52 5.16 -3.84
C ALA A 152 -9.58 4.10 -4.16
N ARG A 153 -10.85 4.45 -3.94
N ARG A 153 -10.85 4.45 -3.94
CA ARG A 153 -11.93 3.49 -4.19
CA ARG A 153 -11.93 3.49 -4.19
C ARG A 153 -11.95 3.03 -5.63
C ARG A 153 -11.94 3.02 -5.64
N SER A 154 -11.73 3.96 -6.58
CA SER A 154 -11.80 3.60 -8.00
C SER A 154 -10.69 2.64 -8.38
N ALA A 155 -9.48 2.85 -7.86
CA ALA A 155 -8.37 1.95 -8.17
C ALA A 155 -8.60 0.57 -7.57
N TYR A 156 -8.98 0.52 -6.30
CA TYR A 156 -9.29 -0.75 -5.66
C TYR A 156 -10.40 -1.49 -6.42
N GLN A 157 -11.43 -0.75 -6.84
CA GLN A 157 -12.58 -1.39 -7.49
C GLN A 157 -12.19 -2.00 -8.83
N GLU A 158 -11.42 -1.27 -9.64
CA GLU A 158 -10.95 -1.85 -10.90
C GLU A 158 -10.11 -3.09 -10.64
N ALA A 159 -9.22 -3.02 -9.65
CA ALA A 159 -8.40 -4.18 -9.30
C ALA A 159 -9.26 -5.35 -8.87
N MET A 160 -10.31 -5.08 -8.07
CA MET A 160 -11.19 -6.15 -7.63
C MET A 160 -11.91 -6.78 -8.81
N ASP A 161 -12.43 -5.96 -9.72
CA ASP A 161 -13.14 -6.50 -10.88
C ASP A 161 -12.25 -7.44 -11.68
N ILE A 162 -11.00 -7.06 -11.91
CA ILE A 162 -10.09 -7.91 -12.68
C ILE A 162 -9.78 -9.19 -11.92
N SER A 163 -9.51 -9.07 -10.61
CA SER A 163 -9.10 -10.25 -9.86
C SER A 163 -10.22 -11.27 -9.75
N LYS A 164 -11.47 -10.83 -9.66
CA LYS A 164 -12.59 -11.77 -9.60
C LYS A 164 -12.78 -12.47 -10.93
N LYS A 165 -12.45 -11.80 -12.03
CA LYS A 165 -12.58 -12.40 -13.36
C LYS A 165 -11.41 -13.32 -13.69
N GLU A 166 -10.20 -12.97 -13.24
CA GLU A 166 -8.98 -13.58 -13.78
C GLU A 166 -8.16 -14.38 -12.77
N MET A 167 -8.51 -14.39 -11.50
CA MET A 167 -7.70 -15.09 -10.53
C MET A 167 -8.56 -16.02 -9.68
N PRO A 168 -8.01 -17.13 -9.20
CA PRO A 168 -8.74 -17.98 -8.27
C PRO A 168 -8.88 -17.29 -6.92
N PRO A 169 -9.86 -17.70 -6.11
CA PRO A 169 -10.10 -17.00 -4.83
C PRO A 169 -8.96 -17.11 -3.83
N THR A 170 -8.02 -18.03 -4.02
CA THR A 170 -6.88 -18.16 -3.11
C THR A 170 -5.65 -17.41 -3.59
N ASN A 171 -5.68 -16.81 -4.77
CA ASN A 171 -4.51 -16.10 -5.28
C ASN A 171 -4.04 -15.05 -4.26
N PRO A 172 -2.78 -15.08 -3.83
CA PRO A 172 -2.34 -14.15 -2.78
C PRO A 172 -2.50 -12.69 -3.15
N ILE A 173 -2.31 -12.31 -4.42
CA ILE A 173 -2.55 -10.93 -4.82
C ILE A 173 -4.02 -10.57 -4.65
N ARG A 174 -4.92 -11.47 -5.06
CA ARG A 174 -6.36 -11.23 -4.89
C ARG A 174 -6.72 -11.13 -3.41
N LEU A 175 -6.15 -11.99 -2.57
CA LEU A 175 -6.45 -11.96 -1.14
C LEU A 175 -5.94 -10.67 -0.50
N GLY A 176 -4.71 -10.28 -0.82
CA GLY A 176 -4.16 -9.07 -0.23
C GLY A 176 -4.87 -7.82 -0.69
N LEU A 177 -5.35 -7.81 -1.94
CA LEU A 177 -6.17 -6.71 -2.43
C LEU A 177 -7.44 -6.59 -1.62
N ALA A 178 -8.15 -7.71 -1.44
CA ALA A 178 -9.40 -7.67 -0.68
C ALA A 178 -9.15 -7.25 0.75
N LEU A 179 -8.05 -7.74 1.34
CA LEU A 179 -7.70 -7.33 2.70
C LEU A 179 -7.56 -5.81 2.80
N ASN A 180 -6.78 -5.21 1.89
CA ASN A 180 -6.52 -3.77 1.96
C ASN A 180 -7.76 -2.96 1.59
N PHE A 181 -8.54 -3.43 0.60
CA PHE A 181 -9.80 -2.76 0.28
C PHE A 181 -10.73 -2.79 1.48
N SER A 182 -10.75 -3.91 2.21
N SER A 182 -10.75 -3.90 2.22
CA SER A 182 -11.57 -3.98 3.41
CA SER A 182 -11.59 -3.97 3.41
C SER A 182 -11.09 -2.98 4.45
C SER A 182 -11.09 -2.98 4.47
N VAL A 183 -9.78 -2.82 4.60
CA VAL A 183 -9.24 -1.83 5.53
C VAL A 183 -9.61 -0.43 5.07
N PHE A 184 -9.56 -0.19 3.75
CA PHE A 184 -10.04 1.08 3.20
C PHE A 184 -11.48 1.34 3.63
N HIS A 185 -12.35 0.34 3.48
CA HIS A 185 -13.76 0.53 3.84
C HIS A 185 -13.90 0.87 5.33
N TYR A 186 -13.14 0.18 6.18
CA TYR A 186 -13.29 0.35 7.62
C TYR A 186 -12.70 1.66 8.10
N GLU A 187 -11.48 1.96 7.66
CA GLU A 187 -10.69 3.03 8.24
C GLU A 187 -10.86 4.37 7.50
N ILE A 188 -11.16 4.35 6.21
CA ILE A 188 -11.19 5.55 5.39
C ILE A 188 -12.62 5.93 5.01
N ALA A 189 -13.40 4.97 4.53
CA ALA A 189 -14.69 5.24 3.92
C ALA A 189 -15.84 5.22 4.92
N ASN A 190 -15.58 4.96 6.20
CA ASN A 190 -16.64 4.89 7.21
C ASN A 190 -17.71 3.89 6.81
N SER A 191 -17.28 2.75 6.29
CA SER A 191 -18.20 1.68 5.87
C SER A 191 -17.79 0.37 6.53
N PRO A 192 -17.90 0.27 7.85
CA PRO A 192 -17.45 -0.95 8.52
C PRO A 192 -18.24 -2.20 8.11
N GLU A 193 -19.52 -2.05 7.78
CA GLU A 193 -20.28 -3.22 7.34
C GLU A 193 -19.77 -3.74 6.01
N GLU A 194 -19.43 -2.82 5.08
CA GLU A 194 -18.82 -3.26 3.83
C GLU A 194 -17.48 -3.94 4.08
N ALA A 195 -16.71 -3.41 5.02
CA ALA A 195 -15.41 -4.00 5.34
C ALA A 195 -15.56 -5.42 5.87
N ILE A 196 -16.49 -5.62 6.80
CA ILE A 196 -16.70 -6.94 7.38
C ILE A 196 -17.23 -7.91 6.34
N SER A 197 -18.18 -7.46 5.51
N SER A 197 -18.18 -7.46 5.52
CA SER A 197 -18.75 -8.33 4.49
CA SER A 197 -18.76 -8.34 4.50
C SER A 197 -17.69 -8.76 3.48
C SER A 197 -17.70 -8.76 3.48
N LEU A 198 -16.86 -7.82 3.06
CA LEU A 198 -15.81 -8.17 2.09
C LEU A 198 -14.82 -9.15 2.70
N ALA A 199 -14.36 -8.89 3.92
CA ALA A 199 -13.40 -9.79 4.55
C ALA A 199 -13.98 -11.18 4.73
N LYS A 200 -15.25 -11.25 5.14
CA LYS A 200 -15.89 -12.54 5.38
C LYS A 200 -16.08 -13.32 4.09
N THR A 201 -16.62 -12.67 3.05
CA THR A 201 -16.81 -13.34 1.77
C THR A 201 -15.48 -13.76 1.16
N THR A 202 -14.45 -12.91 1.27
CA THR A 202 -13.13 -13.26 0.76
C THR A 202 -12.59 -14.49 1.48
N PHE A 203 -12.68 -14.51 2.81
CA PHE A 203 -12.16 -15.62 3.58
C PHE A 203 -12.87 -16.92 3.23
N ASP A 204 -14.21 -16.89 3.18
CA ASP A 204 -14.99 -18.10 2.94
C ASP A 204 -14.74 -18.65 1.54
N GLU A 205 -14.64 -17.78 0.54
CA GLU A 205 -14.41 -18.29 -0.81
C GLU A 205 -12.99 -18.83 -0.96
N ALA A 206 -12.03 -18.26 -0.24
CA ALA A 206 -10.68 -18.83 -0.26
C ALA A 206 -10.66 -20.19 0.43
N MET A 207 -11.33 -20.30 1.58
CA MET A 207 -11.38 -21.57 2.31
C MET A 207 -11.86 -22.70 1.41
N ALA A 208 -12.88 -22.43 0.59
CA ALA A 208 -13.45 -23.47 -0.27
C ALA A 208 -12.57 -23.80 -1.46
N ASP A 209 -11.51 -23.04 -1.72
CA ASP A 209 -10.61 -23.29 -2.83
C ASP A 209 -9.27 -23.86 -2.38
N LEU A 210 -9.05 -24.00 -1.07
CA LEU A 210 -7.74 -24.43 -0.58
C LEU A 210 -7.42 -25.85 -1.01
N HIS A 211 -8.43 -26.69 -1.23
CA HIS A 211 -8.18 -28.08 -1.59
C HIS A 211 -7.46 -28.22 -2.92
N THR A 212 -7.46 -27.18 -3.75
CA THR A 212 -6.81 -27.23 -5.06
C THR A 212 -5.31 -26.95 -5.01
N LEU A 213 -4.78 -26.55 -3.86
CA LEU A 213 -3.46 -25.96 -3.77
C LEU A 213 -2.40 -26.97 -3.32
N SER A 214 -1.17 -26.70 -3.73
CA SER A 214 -0.01 -27.42 -3.22
C SER A 214 0.28 -26.98 -1.78
N GLU A 215 1.17 -27.73 -1.13
CA GLU A 215 1.57 -27.40 0.23
C GLU A 215 2.11 -25.97 0.33
N ASP A 216 2.93 -25.57 -0.64
CA ASP A 216 3.52 -24.23 -0.59
C ASP A 216 2.48 -23.15 -0.88
N SER A 217 1.63 -23.35 -1.89
CA SER A 217 0.57 -22.39 -2.17
C SER A 217 -0.42 -22.32 -1.01
N TYR A 218 -0.72 -23.46 -0.40
CA TYR A 218 -1.58 -23.48 0.78
C TYR A 218 -1.03 -22.58 1.89
N LYS A 219 0.28 -22.66 2.14
CA LYS A 219 0.88 -21.81 3.16
C LYS A 219 0.77 -20.33 2.80
N ASP A 220 1.01 -19.99 1.53
CA ASP A 220 0.91 -18.60 1.10
C ASP A 220 -0.50 -18.06 1.31
N SER A 221 -1.51 -18.83 0.92
CA SER A 221 -2.89 -18.35 0.99
C SER A 221 -3.39 -18.31 2.43
N THR A 222 -3.12 -19.35 3.22
CA THR A 222 -3.65 -19.35 4.57
C THR A 222 -3.01 -18.25 5.42
N LEU A 223 -1.77 -17.84 5.10
CA LEU A 223 -1.16 -16.73 5.82
C LEU A 223 -2.01 -15.46 5.68
N ILE A 224 -2.41 -15.13 4.46
CA ILE A 224 -3.21 -13.93 4.27
C ILE A 224 -4.62 -14.13 4.78
N MET A 225 -5.16 -15.34 4.67
CA MET A 225 -6.49 -15.60 5.24
C MET A 225 -6.50 -15.32 6.73
N GLN A 226 -5.39 -15.61 7.42
CA GLN A 226 -5.32 -15.32 8.85
C GLN A 226 -5.39 -13.82 9.11
N LEU A 227 -4.79 -13.01 8.23
CA LEU A 227 -4.88 -11.57 8.39
C LEU A 227 -6.32 -11.07 8.23
N LEU A 228 -7.06 -11.64 7.28
CA LEU A 228 -8.49 -11.34 7.18
C LEU A 228 -9.20 -11.73 8.46
N ARG A 229 -8.90 -12.92 8.99
CA ARG A 229 -9.53 -13.37 10.23
C ARG A 229 -9.18 -12.47 11.40
N ASP A 230 -7.92 -12.02 11.48
CA ASP A 230 -7.53 -11.12 12.56
C ASP A 230 -8.35 -9.84 12.53
N ASN A 231 -8.59 -9.29 11.34
CA ASN A 231 -9.37 -8.07 11.23
C ASN A 231 -10.82 -8.30 11.63
N LEU A 232 -11.42 -9.41 11.17
CA LEU A 232 -12.79 -9.71 11.55
C LEU A 232 -12.93 -9.86 13.05
N THR A 233 -11.92 -10.44 13.69
CA THR A 233 -11.92 -10.59 15.15
C THR A 233 -11.87 -9.23 15.83
N LEU A 234 -11.11 -8.30 15.25
CA LEU A 234 -11.04 -6.95 15.80
C LEU A 234 -12.31 -6.15 15.53
N TRP A 235 -12.97 -6.40 14.41
CA TRP A 235 -14.11 -5.58 13.98
C TRP A 235 -15.44 -6.09 14.49
N THR A 236 -15.49 -7.29 15.05
CA THR A 236 -16.75 -7.87 15.50
C THR A 236 -16.66 -8.37 16.94
N ALA B 5 -6.41 -2.44 13.04
CA ALA B 5 -6.81 -3.11 11.81
C ALA B 5 -5.66 -3.13 10.82
N GLY B 6 -5.22 -4.33 10.46
CA GLY B 6 -4.03 -4.48 9.65
C GLY B 6 -4.23 -4.67 8.16
N SEP B 7 -3.52 -3.85 7.38
CA SEP B 7 -3.36 -4.08 5.96
CB SEP B 7 -2.98 -2.79 5.25
OG SEP B 7 -1.74 -2.37 5.79
C SEP B 7 -2.27 -5.13 5.77
O SEP B 7 -1.68 -5.59 6.75
P SEP B 7 -1.36 -0.87 5.41
O1P SEP B 7 0.10 -0.67 6.07
O2P SEP B 7 -2.40 0.15 6.07
O3P SEP B 7 -1.30 -0.70 3.82
N ILE B 8 -1.98 -5.47 4.52
CA ILE B 8 -0.85 -6.35 4.23
C ILE B 8 0.42 -5.70 4.75
N PRO B 9 1.15 -6.39 5.64
CA PRO B 9 2.41 -5.83 6.15
C PRO B 9 3.37 -5.50 5.02
N GLY B 10 3.66 -6.48 4.19
CA GLY B 10 4.40 -6.31 2.95
C GLY B 10 5.66 -5.47 3.05
N ARG B 11 6.40 -5.61 4.16
CA ARG B 11 7.64 -4.87 4.34
C ARG B 11 8.86 -5.78 4.25
N ARG B 12 8.67 -7.05 3.88
CA ARG B 12 9.76 -7.97 3.62
C ARG B 12 9.37 -8.81 2.41
N SER B 13 10.17 -8.72 1.34
CA SER B 13 9.87 -9.44 0.11
C SER B 13 10.22 -10.92 0.25
CL CL C . 9.85 22.03 10.93
C01 P6Z D . -0.54 -7.15 -1.73
C02 P6Z D . 0.19 -8.42 -1.27
C03 P6Z D . 1.47 -8.32 -0.78
C04 P6Z D . 2.15 -9.46 -0.36
C06 P6Z D . 4.57 -9.01 -0.51
C07 P6Z D . 5.63 -9.04 0.34
C09 P6Z D . 3.87 -9.61 1.43
C10 P6Z D . 1.53 -10.70 -0.45
C11 P6Z D . 0.24 -10.78 -0.95
C12 P6Z D . -0.43 -9.65 -1.36
N05 P6Z D . 3.51 -9.36 0.16
N08 P6Z D . 5.19 -9.40 1.53
#